data_8PCH
#
_entry.id   8PCH
#
_cell.length_a   38.442
_cell.length_b   68.730
_cell.length_c   86.757
_cell.angle_alpha   90.00
_cell.angle_beta   90.00
_cell.angle_gamma   90.00
#
_symmetry.space_group_name_H-M   'P 21 21 21'
#
loop_
_entity.id
_entity.type
_entity.pdbx_description
1 polymer 'CATHEPSIN H'
2 polymer 'CATHEPSIN H'
3 branched beta-D-mannopyranose-(1-4)-2-acetamido-2-deoxy-beta-D-glucopyranose-(1-4)-2-acetamido-2-deoxy-beta-D-glucopyranose
4 water water
#
loop_
_entity_poly.entity_id
_entity_poly.type
_entity_poly.pdbx_seq_one_letter_code
_entity_poly.pdbx_strand_id
1 'polypeptide(L)'
;YPPSMDWRKKGNFVSPVKNQGSCGSCWTFSTTGALESAVAIATGKMLSLAEQQLVDCAQNFNNHGCQGGLPSQAFEYIRY
NKGIMGEDTYPYKGQDDHCKFQPDKAIAFVKDVANITMNDEEAMVEAVALYNPVSFAFEVTNDFLMYRKGIYSSTSCHKT
PDKVNHAVLAVGYGEENGIPYWIVKNSWGPQWGMNGYFLIERGKNMCGLAACASYPIPLV
;
A
2 'polypeptide(L)' EPQNCSAT P
#
# COMPACT_ATOMS: atom_id res chain seq x y z
N TYR A 1 0.44 -12.06 -18.89
CA TYR A 1 1.28 -10.83 -18.99
C TYR A 1 2.75 -11.19 -18.76
N PRO A 2 3.69 -10.21 -18.84
CA PRO A 2 5.11 -10.45 -18.62
C PRO A 2 5.39 -11.45 -17.49
N PRO A 3 6.52 -12.18 -17.57
CA PRO A 3 6.91 -13.18 -16.56
C PRO A 3 7.34 -12.61 -15.22
N SER A 4 7.79 -11.37 -15.21
CA SER A 4 8.24 -10.71 -13.97
C SER A 4 8.26 -9.19 -14.16
N MET A 5 8.08 -8.46 -13.05
CA MET A 5 8.11 -7.00 -13.04
C MET A 5 8.64 -6.52 -11.70
N ASP A 6 9.31 -5.38 -11.70
CA ASP A 6 9.84 -4.81 -10.49
C ASP A 6 10.03 -3.33 -10.72
N TRP A 7 9.07 -2.54 -10.24
CA TRP A 7 9.14 -1.07 -10.39
C TRP A 7 10.40 -0.40 -9.85
N ARG A 8 11.10 -1.07 -8.94
CA ARG A 8 12.32 -0.50 -8.37
C ARG A 8 13.43 -0.54 -9.43
N LYS A 9 13.36 -1.55 -10.31
CA LYS A 9 14.34 -1.73 -11.37
C LYS A 9 14.11 -0.86 -12.59
N LYS A 10 12.85 -0.57 -12.87
CA LYS A 10 12.47 0.24 -14.03
C LYS A 10 13.04 1.63 -13.96
N GLY A 11 13.22 2.14 -12.75
CA GLY A 11 13.75 3.48 -12.55
C GLY A 11 13.59 3.90 -11.10
N ASN A 12 13.73 5.20 -10.82
CA ASN A 12 13.59 5.69 -9.45
C ASN A 12 12.09 5.89 -9.16
N PHE A 13 11.36 4.79 -9.17
CA PHE A 13 9.92 4.82 -8.96
C PHE A 13 9.41 4.38 -7.57
N VAL A 14 10.22 3.66 -6.81
CA VAL A 14 9.77 3.21 -5.50
C VAL A 14 10.54 3.96 -4.42
N SER A 15 9.83 4.56 -3.47
CA SER A 15 10.44 5.33 -2.38
C SER A 15 11.07 4.40 -1.33
N PRO A 16 11.98 4.90 -0.47
CA PRO A 16 12.62 4.07 0.57
C PRO A 16 11.59 3.47 1.54
N VAL A 17 12.00 2.43 2.26
CA VAL A 17 11.14 1.76 3.25
C VAL A 17 11.01 2.64 4.49
N LYS A 18 9.79 2.76 5.01
CA LYS A 18 9.57 3.57 6.21
C LYS A 18 9.16 2.71 7.38
N ASN A 19 8.93 3.35 8.52
CA ASN A 19 8.55 2.66 9.73
C ASN A 19 7.39 3.34 10.44
N GLN A 20 6.27 2.62 10.57
CA GLN A 20 5.07 3.15 11.22
C GLN A 20 5.21 3.27 12.73
N GLY A 21 6.34 2.84 13.28
CA GLY A 21 6.54 2.92 14.72
C GLY A 21 5.58 2.01 15.44
N SER A 22 4.95 2.50 16.52
CA SER A 22 4.02 1.69 17.28
C SER A 22 2.55 1.95 16.97
N CYS A 23 2.31 2.71 15.91
CA CYS A 23 0.96 3.06 15.45
C CYS A 23 0.53 2.12 14.34
N GLY A 24 -0.72 1.66 14.37
CA GLY A 24 -1.18 0.76 13.32
C GLY A 24 -1.60 1.53 12.08
N SER A 25 -0.67 2.29 11.52
CA SER A 25 -0.94 3.11 10.35
C SER A 25 -0.38 2.56 9.06
N CYS A 26 -0.27 1.24 8.93
CA CYS A 26 0.28 0.65 7.70
C CYS A 26 -0.54 1.05 6.47
N TRP A 27 -1.85 1.19 6.65
CA TRP A 27 -2.72 1.59 5.54
C TRP A 27 -2.29 2.93 4.95
N THR A 28 -1.74 3.81 5.80
CA THR A 28 -1.28 5.12 5.34
C THR A 28 0.05 5.03 4.60
N PHE A 29 0.90 4.08 4.97
CA PHE A 29 2.19 3.93 4.30
C PHE A 29 1.99 3.26 2.94
N SER A 30 0.95 2.42 2.87
CA SER A 30 0.57 1.73 1.65
C SER A 30 -0.02 2.76 0.66
N THR A 31 -0.72 3.75 1.20
CA THR A 31 -1.34 4.83 0.45
C THR A 31 -0.29 5.78 -0.12
N THR A 32 0.59 6.27 0.74
CA THR A 32 1.63 7.19 0.29
C THR A 32 2.58 6.49 -0.68
N GLY A 33 2.87 5.23 -0.40
CA GLY A 33 3.75 4.45 -1.25
C GLY A 33 3.21 4.35 -2.65
N ALA A 34 1.91 4.07 -2.77
CA ALA A 34 1.26 3.94 -4.07
C ALA A 34 1.24 5.28 -4.80
N LEU A 35 0.91 6.36 -4.10
CA LEU A 35 0.85 7.69 -4.69
C LEU A 35 2.24 8.26 -5.05
N GLU A 36 3.26 7.94 -4.25
CA GLU A 36 4.62 8.42 -4.53
C GLU A 36 5.13 7.81 -5.83
N SER A 37 4.85 6.53 -6.03
CA SER A 37 5.25 5.84 -7.24
C SER A 37 4.50 6.38 -8.45
N ALA A 38 3.17 6.56 -8.31
CA ALA A 38 2.33 7.07 -9.40
C ALA A 38 2.78 8.43 -9.93
N VAL A 39 3.12 9.32 -9.00
CA VAL A 39 3.58 10.66 -9.33
C VAL A 39 4.96 10.61 -10.00
N ALA A 40 5.81 9.71 -9.53
CA ALA A 40 7.15 9.55 -10.09
C ALA A 40 7.07 8.91 -11.48
N ILE A 41 6.13 7.98 -11.67
CA ILE A 41 5.97 7.30 -12.95
C ILE A 41 5.43 8.30 -13.99
N ALA A 42 4.46 9.10 -13.57
CA ALA A 42 3.84 10.09 -14.45
C ALA A 42 4.67 11.34 -14.70
N THR A 43 5.41 11.83 -13.71
CA THR A 43 6.18 13.06 -13.88
C THR A 43 7.68 12.99 -13.64
N GLY A 44 8.15 11.87 -13.09
CA GLY A 44 9.57 11.74 -12.83
C GLY A 44 9.99 12.43 -11.53
N LYS A 45 9.05 13.02 -10.81
CA LYS A 45 9.34 13.70 -9.54
C LYS A 45 9.25 12.69 -8.40
N MET A 46 10.24 12.67 -7.52
CA MET A 46 10.23 11.76 -6.39
C MET A 46 9.96 12.53 -5.10
N LEU A 47 8.76 12.35 -4.56
CA LEU A 47 8.34 13.04 -3.35
C LEU A 47 8.16 12.05 -2.20
N SER A 48 8.05 12.58 -0.99
CA SER A 48 7.79 11.78 0.21
C SER A 48 6.54 12.44 0.82
N LEU A 49 5.41 11.75 0.78
CA LEU A 49 4.14 12.27 1.28
C LEU A 49 3.87 11.96 2.75
N ALA A 50 3.15 12.87 3.40
CA ALA A 50 2.82 12.78 4.81
C ALA A 50 1.75 11.76 5.21
N GLU A 51 2.18 10.69 5.86
CA GLU A 51 1.26 9.67 6.34
C GLU A 51 0.47 10.17 7.55
N GLN A 52 1.09 11.06 8.32
CA GLN A 52 0.45 11.64 9.50
C GLN A 52 -0.81 12.39 9.10
N GLN A 53 -0.79 13.05 7.94
CA GLN A 53 -1.98 13.78 7.49
C GLN A 53 -3.16 12.82 7.39
N LEU A 54 -2.91 11.63 6.87
CA LEU A 54 -3.97 10.64 6.74
C LEU A 54 -4.46 10.18 8.13
N VAL A 55 -3.52 10.01 9.06
CA VAL A 55 -3.83 9.58 10.42
C VAL A 55 -4.73 10.60 11.15
N ASP A 56 -4.40 11.88 11.02
CA ASP A 56 -5.16 12.95 11.68
C ASP A 56 -6.40 13.46 10.94
N CYS A 57 -6.39 13.41 9.61
CA CYS A 57 -7.50 13.94 8.80
C CYS A 57 -8.46 13.04 8.02
N ALA A 58 -8.16 11.76 7.80
CA ALA A 58 -9.05 10.92 6.97
C ALA A 58 -10.23 10.18 7.61
N GLN A 59 -10.65 10.61 8.79
CA GLN A 59 -11.76 9.95 9.49
C GLN A 59 -13.10 9.96 8.75
N ASN A 60 -13.32 10.97 7.89
CA ASN A 60 -14.57 11.06 7.13
C ASN A 60 -14.72 9.92 6.14
N PHE A 61 -13.63 9.20 5.88
CA PHE A 61 -13.66 8.11 4.93
C PHE A 61 -13.52 6.75 5.59
N ASN A 62 -14.09 6.64 6.78
CA ASN A 62 -14.10 5.38 7.53
C ASN A 62 -12.70 4.89 7.95
N ASN A 63 -11.78 5.82 8.11
CA ASN A 63 -10.42 5.48 8.52
C ASN A 63 -10.31 5.77 10.01
N HIS A 64 -9.33 5.17 10.67
CA HIS A 64 -9.22 5.32 12.10
C HIS A 64 -7.82 5.54 12.65
N GLY A 65 -7.06 6.46 12.08
CA GLY A 65 -5.71 6.74 12.56
C GLY A 65 -4.91 5.49 12.89
N CYS A 66 -4.41 5.41 14.11
CA CYS A 66 -3.61 4.26 14.55
C CYS A 66 -4.41 2.96 14.75
N GLN A 67 -5.72 3.03 14.56
CA GLN A 67 -6.59 1.87 14.72
C GLN A 67 -6.97 1.22 13.40
N GLY A 68 -6.43 1.71 12.29
CA GLY A 68 -6.73 1.09 11.00
C GLY A 68 -7.35 1.97 9.95
N GLY A 69 -7.49 1.42 8.75
CA GLY A 69 -8.07 2.13 7.61
C GLY A 69 -7.95 1.26 6.37
N LEU A 70 -8.17 1.83 5.17
CA LEU A 70 -8.06 1.08 3.91
C LEU A 70 -7.45 2.03 2.89
N PRO A 71 -6.52 1.53 2.04
CA PRO A 71 -5.93 2.44 1.05
C PRO A 71 -6.92 3.10 0.08
N SER A 72 -7.90 2.35 -0.43
CA SER A 72 -8.88 2.92 -1.37
C SER A 72 -9.57 4.10 -0.71
N GLN A 73 -9.94 3.94 0.57
CA GLN A 73 -10.58 5.04 1.30
C GLN A 73 -9.67 6.24 1.41
N ALA A 74 -8.39 6.01 1.68
CA ALA A 74 -7.41 7.09 1.81
C ALA A 74 -7.17 7.77 0.47
N PHE A 75 -7.30 7.03 -0.62
CA PHE A 75 -7.13 7.62 -1.95
C PHE A 75 -8.31 8.57 -2.19
N GLU A 76 -9.51 8.13 -1.84
CA GLU A 76 -10.71 8.95 -2.00
C GLU A 76 -10.57 10.19 -1.14
N TYR A 77 -10.05 10.02 0.08
CA TYR A 77 -9.89 11.18 0.94
C TYR A 77 -9.00 12.22 0.26
N ILE A 78 -7.80 11.83 -0.15
CA ILE A 78 -6.87 12.75 -0.81
C ILE A 78 -7.56 13.44 -1.99
N ARG A 79 -8.32 12.67 -2.74
CA ARG A 79 -9.05 13.18 -3.88
C ARG A 79 -10.00 14.34 -3.54
N TYR A 80 -10.93 14.08 -2.63
CA TYR A 80 -11.91 15.11 -2.24
C TYR A 80 -11.28 16.24 -1.45
N ASN A 81 -10.23 15.92 -0.71
CA ASN A 81 -9.53 16.88 0.12
C ASN A 81 -8.65 17.82 -0.70
N LYS A 82 -8.42 17.43 -1.96
CA LYS A 82 -7.59 18.22 -2.87
C LYS A 82 -6.10 18.26 -2.51
N GLY A 83 -5.55 17.13 -2.07
CA GLY A 83 -4.13 17.13 -1.78
C GLY A 83 -3.62 16.58 -0.47
N ILE A 84 -2.32 16.28 -0.48
CA ILE A 84 -1.61 15.74 0.66
C ILE A 84 -0.28 16.47 0.67
N MET A 85 0.15 16.87 1.85
CA MET A 85 1.41 17.61 2.05
C MET A 85 2.58 16.64 2.12
N GLY A 86 3.80 17.17 2.02
CA GLY A 86 4.98 16.34 2.07
C GLY A 86 5.35 15.98 3.49
N GLU A 87 6.18 14.96 3.64
CA GLU A 87 6.64 14.50 4.95
C GLU A 87 7.37 15.60 5.72
N ASP A 88 7.99 16.53 4.98
CA ASP A 88 8.75 17.64 5.56
C ASP A 88 7.89 18.77 6.13
N THR A 89 6.59 18.76 5.83
CA THR A 89 5.72 19.81 6.36
C THR A 89 4.69 19.30 7.36
N TYR A 90 4.47 17.99 7.36
CA TYR A 90 3.52 17.36 8.26
C TYR A 90 4.22 16.07 8.66
N PRO A 91 5.16 16.15 9.63
CA PRO A 91 5.98 15.07 10.17
C PRO A 91 5.21 13.93 10.83
N TYR A 92 5.68 12.71 10.59
CA TYR A 92 5.05 11.51 11.17
C TYR A 92 5.37 11.49 12.66
N LYS A 93 4.33 11.50 13.47
CA LYS A 93 4.45 11.45 14.93
C LYS A 93 4.16 10.02 15.39
N GLY A 94 3.31 9.32 14.63
CA GLY A 94 2.99 7.95 14.96
C GLY A 94 1.91 7.80 16.02
N GLN A 95 1.09 8.82 16.19
CA GLN A 95 0.00 8.75 17.15
C GLN A 95 -1.14 9.61 16.64
N ASP A 96 -2.34 9.24 17.05
CA ASP A 96 -3.55 9.96 16.68
C ASP A 96 -3.42 11.40 17.16
N ASP A 97 -3.72 12.34 16.27
CA ASP A 97 -3.59 13.76 16.58
C ASP A 97 -4.71 14.57 15.94
N HIS A 98 -4.56 15.89 15.95
CA HIS A 98 -5.55 16.79 15.37
C HIS A 98 -5.05 17.18 13.99
N CYS A 99 -5.96 17.21 13.02
CA CYS A 99 -5.63 17.55 11.64
C CYS A 99 -5.03 18.95 11.48
N LYS A 100 -3.86 19.02 10.83
CA LYS A 100 -3.15 20.28 10.59
C LYS A 100 -2.91 20.51 9.10
N PHE A 101 -3.82 20.03 8.27
CA PHE A 101 -3.68 20.19 6.82
C PHE A 101 -3.73 21.65 6.37
N GLN A 102 -2.76 22.02 5.53
CA GLN A 102 -2.71 23.38 4.95
C GLN A 102 -2.72 23.20 3.42
N PRO A 103 -3.85 23.59 2.76
CA PRO A 103 -4.14 23.54 1.33
C PRO A 103 -3.02 24.10 0.46
N ASP A 104 -2.40 25.17 0.91
CA ASP A 104 -1.31 25.79 0.18
C ASP A 104 -0.03 24.95 0.16
N LYS A 105 0.02 23.92 1.01
CA LYS A 105 1.18 23.05 1.11
C LYS A 105 1.05 21.69 0.42
N ALA A 106 -0.14 21.39 -0.10
CA ALA A 106 -0.37 20.11 -0.79
C ALA A 106 0.57 20.01 -1.99
N ILE A 107 1.19 18.84 -2.16
CA ILE A 107 2.13 18.61 -3.27
C ILE A 107 1.78 17.46 -4.21
N ALA A 108 0.90 16.58 -3.77
CA ALA A 108 0.50 15.45 -4.59
C ALA A 108 -1.02 15.38 -4.56
N PHE A 109 -1.62 15.04 -5.70
CA PHE A 109 -3.07 15.00 -5.85
C PHE A 109 -3.58 13.73 -6.54
N VAL A 110 -4.80 13.32 -6.22
CA VAL A 110 -5.42 12.13 -6.80
C VAL A 110 -6.61 12.54 -7.68
N LYS A 111 -6.65 12.01 -8.91
CA LYS A 111 -7.72 12.27 -9.85
C LYS A 111 -8.85 11.26 -9.67
N ASP A 112 -8.48 9.98 -9.69
CA ASP A 112 -9.39 8.87 -9.53
C ASP A 112 -8.70 7.75 -8.75
N VAL A 113 -9.47 6.75 -8.36
CA VAL A 113 -8.94 5.59 -7.66
C VAL A 113 -9.48 4.34 -8.34
N ALA A 114 -8.58 3.41 -8.67
CA ALA A 114 -8.99 2.17 -9.29
C ALA A 114 -9.01 1.08 -8.23
N ASN A 115 -10.18 0.46 -8.08
CA ASN A 115 -10.40 -0.63 -7.13
C ASN A 115 -10.38 -1.94 -7.90
N ILE A 116 -9.43 -2.81 -7.59
CA ILE A 116 -9.34 -4.10 -8.27
C ILE A 116 -10.54 -4.94 -7.89
N THR A 117 -11.15 -5.62 -8.85
CA THR A 117 -12.31 -6.46 -8.57
C THR A 117 -11.96 -7.43 -7.44
N MET A 118 -12.85 -7.53 -6.45
CA MET A 118 -12.61 -8.39 -5.31
C MET A 118 -12.16 -9.78 -5.72
N ASN A 119 -10.99 -10.14 -5.22
CA ASN A 119 -10.36 -11.42 -5.48
C ASN A 119 -9.83 -11.64 -6.90
N ASP A 120 -9.68 -10.58 -7.67
CA ASP A 120 -9.17 -10.76 -9.02
C ASP A 120 -7.67 -10.51 -9.05
N GLU A 121 -6.92 -11.56 -8.69
CA GLU A 121 -5.47 -11.46 -8.65
C GLU A 121 -4.84 -11.21 -10.03
N GLU A 122 -5.43 -11.77 -11.09
CA GLU A 122 -4.88 -11.54 -12.43
C GLU A 122 -4.93 -10.06 -12.74
N ALA A 123 -6.06 -9.43 -12.44
CA ALA A 123 -6.23 -8.00 -12.66
C ALA A 123 -5.19 -7.24 -11.87
N MET A 124 -4.83 -7.78 -10.70
CA MET A 124 -3.81 -7.14 -9.86
C MET A 124 -2.46 -7.24 -10.57
N VAL A 125 -2.21 -8.38 -11.20
CA VAL A 125 -0.98 -8.60 -11.92
C VAL A 125 -0.88 -7.61 -13.08
N GLU A 126 -1.99 -7.38 -13.78
CA GLU A 126 -2.00 -6.44 -14.90
C GLU A 126 -1.72 -5.01 -14.43
N ALA A 127 -2.34 -4.62 -13.33
CA ALA A 127 -2.15 -3.28 -12.76
C ALA A 127 -0.68 -3.06 -12.42
N VAL A 128 -0.05 -4.06 -11.79
CA VAL A 128 1.37 -3.95 -11.42
C VAL A 128 2.28 -3.98 -12.64
N ALA A 129 1.93 -4.82 -13.61
CA ALA A 129 2.73 -4.94 -14.85
C ALA A 129 2.65 -3.69 -15.70
N LEU A 130 1.43 -3.17 -15.89
CA LEU A 130 1.19 -2.02 -16.76
C LEU A 130 1.14 -0.60 -16.18
N TYR A 131 0.53 -0.45 -15.02
CA TYR A 131 0.31 0.89 -14.45
C TYR A 131 1.02 1.41 -13.21
N ASN A 132 0.87 0.74 -12.08
CA ASN A 132 1.43 1.24 -10.82
C ASN A 132 1.57 0.15 -9.76
N PRO A 133 2.36 0.42 -8.72
CA PRO A 133 2.51 -0.57 -7.65
C PRO A 133 1.10 -0.60 -7.03
N VAL A 134 0.66 -1.76 -6.54
CA VAL A 134 -0.69 -1.86 -6.00
C VAL A 134 -0.82 -2.04 -4.50
N SER A 135 -1.72 -1.28 -3.90
CA SER A 135 -1.98 -1.37 -2.47
C SER A 135 -2.93 -2.52 -2.24
N PHE A 136 -2.63 -3.35 -1.25
CA PHE A 136 -3.51 -4.46 -0.93
C PHE A 136 -3.43 -4.76 0.55
N ALA A 137 -4.43 -5.46 1.05
CA ALA A 137 -4.49 -5.82 2.46
C ALA A 137 -4.59 -7.35 2.55
N PHE A 138 -3.99 -7.91 3.59
CA PHE A 138 -4.02 -9.35 3.78
C PHE A 138 -4.00 -9.76 5.25
N GLU A 139 -4.39 -10.99 5.55
CA GLU A 139 -4.42 -11.46 6.93
C GLU A 139 -3.05 -11.93 7.41
N VAL A 140 -2.56 -11.29 8.46
CA VAL A 140 -1.28 -11.65 9.04
C VAL A 140 -1.52 -12.57 10.23
N THR A 141 -0.87 -13.73 10.23
CA THR A 141 -0.99 -14.68 11.33
C THR A 141 0.37 -14.75 12.04
N ASN A 142 0.50 -15.62 13.04
CA ASN A 142 1.75 -15.77 13.79
C ASN A 142 2.84 -16.35 12.90
N ASP A 143 2.41 -17.15 11.93
CA ASP A 143 3.28 -17.79 10.96
C ASP A 143 4.11 -16.71 10.25
N PHE A 144 3.43 -15.66 9.81
CA PHE A 144 4.05 -14.52 9.11
C PHE A 144 4.94 -13.66 10.01
N LEU A 145 4.57 -13.54 11.28
CA LEU A 145 5.35 -12.73 12.22
C LEU A 145 6.74 -13.29 12.46
N MET A 146 6.96 -14.53 12.00
CA MET A 146 8.27 -15.19 12.15
C MET A 146 9.13 -15.05 10.90
N TYR A 147 8.57 -14.46 9.84
CA TYR A 147 9.23 -14.27 8.54
C TYR A 147 10.59 -13.59 8.55
N ARG A 148 11.54 -14.15 7.82
CA ARG A 148 12.90 -13.59 7.71
C ARG A 148 13.24 -13.32 6.25
N LYS A 149 12.94 -14.30 5.39
CA LYS A 149 13.19 -14.20 3.95
C LYS A 149 12.54 -15.37 3.21
N GLY A 150 12.50 -15.28 1.88
CA GLY A 150 11.92 -16.32 1.07
C GLY A 150 10.49 -16.06 0.64
N ILE A 151 9.89 -17.05 0.01
CA ILE A 151 8.53 -16.94 -0.48
C ILE A 151 7.56 -17.44 0.60
N TYR A 152 6.85 -16.50 1.19
CA TYR A 152 5.88 -16.83 2.23
C TYR A 152 4.68 -17.56 1.66
N SER A 153 4.40 -18.73 2.24
CA SER A 153 3.27 -19.54 1.83
C SER A 153 2.68 -20.09 3.13
N SER A 154 1.36 -19.99 3.30
CA SER A 154 0.76 -20.50 4.54
C SER A 154 -0.59 -21.16 4.32
N THR A 155 -0.99 -21.99 5.28
CA THR A 155 -2.28 -22.68 5.25
C THR A 155 -3.17 -22.16 6.40
N SER A 156 -2.60 -21.33 7.25
CA SER A 156 -3.30 -20.77 8.40
C SER A 156 -4.17 -19.54 8.11
N CYS A 157 -3.74 -18.72 7.16
CA CYS A 157 -4.49 -17.50 6.83
C CYS A 157 -5.75 -17.76 6.02
N HIS A 158 -6.66 -16.79 6.07
CA HIS A 158 -7.93 -16.86 5.35
C HIS A 158 -7.81 -15.93 4.17
N LYS A 159 -8.77 -15.99 3.26
CA LYS A 159 -8.73 -15.12 2.09
C LYS A 159 -9.97 -14.22 2.03
N THR A 160 -10.67 -14.08 3.15
CA THR A 160 -11.88 -13.27 3.22
C THR A 160 -11.65 -11.82 3.62
N PRO A 161 -12.44 -10.89 3.07
CA PRO A 161 -12.39 -9.44 3.30
C PRO A 161 -12.43 -9.01 4.77
N ASP A 162 -13.12 -9.78 5.61
CA ASP A 162 -13.24 -9.47 7.04
C ASP A 162 -12.05 -9.99 7.86
N LYS A 163 -11.10 -10.65 7.21
CA LYS A 163 -9.93 -11.19 7.89
C LYS A 163 -8.66 -10.41 7.62
N VAL A 164 -8.64 -9.68 6.51
CA VAL A 164 -7.47 -8.89 6.16
C VAL A 164 -7.26 -7.89 7.28
N ASN A 165 -6.01 -7.73 7.69
CA ASN A 165 -5.70 -6.83 8.80
C ASN A 165 -4.40 -6.00 8.66
N HIS A 166 -3.68 -6.14 7.55
CA HIS A 166 -2.48 -5.34 7.29
C HIS A 166 -2.47 -4.84 5.85
N ALA A 167 -2.05 -3.60 5.63
CA ALA A 167 -2.00 -3.00 4.30
C ALA A 167 -0.54 -2.84 3.88
N VAL A 168 -0.23 -3.31 2.68
CA VAL A 168 1.13 -3.25 2.13
C VAL A 168 1.12 -2.77 0.67
N LEU A 169 2.26 -2.83 -0.02
CA LEU A 169 2.34 -2.38 -1.41
C LEU A 169 3.06 -3.36 -2.34
N ALA A 170 2.36 -3.88 -3.34
CA ALA A 170 2.94 -4.83 -4.32
C ALA A 170 3.75 -4.01 -5.33
N VAL A 171 5.06 -4.19 -5.34
CA VAL A 171 5.92 -3.44 -6.27
C VAL A 171 6.35 -4.24 -7.50
N GLY A 172 6.04 -5.53 -7.54
CA GLY A 172 6.41 -6.34 -8.67
C GLY A 172 6.08 -7.78 -8.43
N TYR A 173 6.53 -8.66 -9.33
CA TYR A 173 6.27 -10.08 -9.19
C TYR A 173 7.33 -10.85 -9.98
N GLY A 174 7.35 -12.18 -9.82
CA GLY A 174 8.32 -13.00 -10.52
C GLY A 174 8.00 -14.44 -10.18
N GLU A 175 8.91 -15.37 -10.45
CA GLU A 175 8.71 -16.77 -10.11
C GLU A 175 10.07 -17.39 -9.89
N GLU A 176 10.11 -18.46 -9.13
CA GLU A 176 11.34 -19.18 -8.84
C GLU A 176 11.06 -20.67 -8.97
N ASN A 177 11.69 -21.30 -9.95
CA ASN A 177 11.55 -22.73 -10.21
C ASN A 177 10.07 -23.14 -10.18
N GLY A 178 9.25 -22.39 -10.92
CA GLY A 178 7.82 -22.68 -11.01
C GLY A 178 6.91 -22.10 -9.95
N ILE A 179 7.47 -21.54 -8.88
CA ILE A 179 6.67 -20.96 -7.80
C ILE A 179 6.55 -19.46 -8.00
N PRO A 180 5.36 -18.97 -8.41
CA PRO A 180 5.17 -17.53 -8.63
C PRO A 180 5.00 -16.78 -7.31
N TYR A 181 5.55 -15.57 -7.23
CA TYR A 181 5.48 -14.77 -6.01
C TYR A 181 5.29 -13.29 -6.32
N TRP A 182 5.06 -12.51 -5.26
CA TRP A 182 4.88 -11.08 -5.35
C TRP A 182 6.02 -10.45 -4.55
N ILE A 183 6.52 -9.33 -5.01
CA ILE A 183 7.57 -8.58 -4.31
C ILE A 183 6.76 -7.50 -3.60
N VAL A 184 6.75 -7.55 -2.28
CA VAL A 184 5.95 -6.61 -1.48
C VAL A 184 6.74 -5.70 -0.53
N LYS A 185 6.46 -4.40 -0.59
CA LYS A 185 7.10 -3.41 0.29
C LYS A 185 6.27 -3.26 1.57
N ASN A 186 6.93 -3.33 2.71
CA ASN A 186 6.26 -3.19 4.00
C ASN A 186 6.69 -1.85 4.61
N SER A 187 6.12 -1.50 5.77
CA SER A 187 6.47 -0.22 6.40
C SER A 187 6.89 -0.44 7.85
N TRP A 188 7.64 -1.52 8.08
CA TRP A 188 8.13 -1.90 9.39
C TRP A 188 9.61 -1.65 9.53
N GLY A 189 10.15 -0.75 8.73
CA GLY A 189 11.57 -0.45 8.79
C GLY A 189 12.38 -1.33 7.86
N PRO A 190 13.57 -0.86 7.42
CA PRO A 190 14.39 -1.67 6.50
C PRO A 190 15.07 -2.89 7.10
N GLN A 191 15.04 -3.02 8.43
CA GLN A 191 15.65 -4.15 9.10
C GLN A 191 14.70 -5.34 9.21
N TRP A 192 13.45 -5.13 8.80
CA TRP A 192 12.51 -6.24 8.85
C TRP A 192 12.53 -6.96 7.50
N GLY A 193 12.33 -8.28 7.53
CA GLY A 193 12.33 -9.07 6.32
C GLY A 193 13.55 -8.88 5.45
N MET A 194 13.33 -8.85 4.15
CA MET A 194 14.40 -8.67 3.16
C MET A 194 14.60 -7.19 2.88
N ASN A 195 15.30 -6.51 3.78
CA ASN A 195 15.56 -5.08 3.63
C ASN A 195 14.26 -4.28 3.62
N GLY A 196 13.26 -4.80 4.32
CA GLY A 196 11.98 -4.12 4.42
C GLY A 196 10.89 -4.66 3.52
N TYR A 197 11.26 -5.61 2.66
CA TYR A 197 10.35 -6.24 1.72
C TYR A 197 10.10 -7.71 2.08
N PHE A 198 9.20 -8.35 1.36
CA PHE A 198 8.92 -9.77 1.58
C PHE A 198 8.31 -10.32 0.29
N LEU A 199 8.42 -11.62 0.10
CA LEU A 199 7.87 -12.29 -1.06
C LEU A 199 6.74 -13.15 -0.55
N ILE A 200 5.67 -13.22 -1.32
CA ILE A 200 4.54 -14.04 -0.90
C ILE A 200 4.05 -14.77 -2.15
N GLU A 201 3.59 -16.01 -1.99
CA GLU A 201 3.12 -16.80 -3.12
C GLU A 201 1.99 -16.12 -3.86
N ARG A 202 2.10 -16.12 -5.19
CA ARG A 202 1.13 -15.51 -6.09
C ARG A 202 0.28 -16.58 -6.76
N GLY A 203 -0.97 -16.25 -7.08
CA GLY A 203 -1.84 -17.19 -7.75
C GLY A 203 -2.80 -17.99 -6.89
N LYS A 204 -2.79 -17.75 -5.59
CA LYS A 204 -3.69 -18.49 -4.71
C LYS A 204 -4.53 -17.56 -3.86
N ASN A 205 -4.45 -16.26 -4.13
CA ASN A 205 -5.19 -15.28 -3.32
C ASN A 205 -4.77 -15.53 -1.88
N MET A 206 -3.45 -15.71 -1.73
CA MET A 206 -2.78 -15.99 -0.46
C MET A 206 -3.10 -14.95 0.62
N CYS A 207 -3.74 -15.41 1.69
CA CYS A 207 -4.13 -14.56 2.82
C CYS A 207 -5.07 -13.42 2.40
N GLY A 208 -5.84 -13.66 1.35
CA GLY A 208 -6.79 -12.67 0.84
C GLY A 208 -6.20 -11.42 0.24
N LEU A 209 -4.99 -11.50 -0.31
CA LEU A 209 -4.34 -10.32 -0.88
C LEU A 209 -5.05 -9.63 -2.06
N ALA A 210 -6.00 -10.32 -2.69
CA ALA A 210 -6.75 -9.74 -3.81
C ALA A 210 -8.14 -9.30 -3.39
N ALA A 211 -8.47 -9.46 -2.11
CA ALA A 211 -9.77 -9.09 -1.58
C ALA A 211 -10.04 -7.59 -1.63
N CYS A 212 -9.04 -6.79 -1.28
CA CYS A 212 -9.19 -5.34 -1.25
C CYS A 212 -7.98 -4.55 -1.73
N ALA A 213 -7.70 -4.63 -3.02
CA ALA A 213 -6.56 -3.92 -3.60
C ALA A 213 -7.02 -2.69 -4.37
N SER A 214 -6.15 -1.70 -4.51
CA SER A 214 -6.48 -0.49 -5.24
C SER A 214 -5.19 0.24 -5.56
N TYR A 215 -5.27 1.21 -6.47
CA TYR A 215 -4.13 2.02 -6.82
C TYR A 215 -4.67 3.38 -7.25
N PRO A 216 -3.88 4.45 -7.08
CA PRO A 216 -4.47 5.70 -7.50
C PRO A 216 -4.03 6.16 -8.88
N ILE A 217 -4.83 7.05 -9.46
CA ILE A 217 -4.53 7.64 -10.75
C ILE A 217 -4.36 9.07 -10.30
N PRO A 218 -3.12 9.58 -10.36
CA PRO A 218 -2.85 10.95 -9.94
C PRO A 218 -3.31 12.07 -10.86
N LEU A 219 -3.47 13.23 -10.25
CA LEU A 219 -3.85 14.44 -10.96
C LEU A 219 -2.54 15.16 -11.14
N VAL A 220 -2.00 15.09 -12.36
CA VAL A 220 -0.72 15.71 -12.67
C VAL A 220 -0.80 16.65 -13.87
N GLU B 1 -18.59 -1.37 -7.36
CA GLU B 1 -18.97 -1.35 -5.92
C GLU B 1 -17.74 -1.26 -5.02
N PRO B 2 -17.71 -0.24 -4.14
CA PRO B 2 -16.67 0.08 -3.16
C PRO B 2 -16.16 -1.15 -2.42
N GLN B 3 -15.11 -0.95 -1.63
CA GLN B 3 -14.51 -2.04 -0.88
C GLN B 3 -14.97 -2.06 0.58
N ASN B 4 -15.76 -3.06 0.93
CA ASN B 4 -16.25 -3.23 2.29
C ASN B 4 -15.31 -4.21 2.98
N CYS B 5 -14.14 -3.71 3.34
CA CYS B 5 -13.12 -4.50 3.97
C CYS B 5 -12.98 -4.19 5.44
N SER B 6 -12.51 -5.17 6.19
CA SER B 6 -12.26 -4.98 7.60
C SER B 6 -11.13 -3.95 7.66
N ALA B 7 -11.06 -3.16 8.73
CA ALA B 7 -10.01 -2.15 8.88
C ALA B 7 -8.62 -2.80 8.95
N THR B 8 -7.82 -2.56 7.92
CA THR B 8 -6.47 -3.11 7.81
C THR B 8 -5.42 -2.10 8.28
#